data_5RZH
#
_entry.id   5RZH
#
_cell.length_a   38.690
_cell.length_b   77.200
_cell.length_c   99.340
_cell.angle_alpha   90.000
_cell.angle_beta   90.000
_cell.angle_gamma   90.000
#
_symmetry.space_group_name_H-M   'P 21 21 21'
#
loop_
_entity.id
_entity.type
_entity.pdbx_description
1 polymer 'Isoform 2 of Band 4.1-like protein 3'
2 non-polymer 4-methyl-N-phenylpiperazine-1-carboxamide
3 non-polymer 'DIMETHYL SULFOXIDE'
4 non-polymer 1,2-ETHANEDIOL
5 water water
#
_entity_poly.entity_id   1
_entity_poly.type   'polypeptide(L)'
_entity_poly.pdbx_seq_one_letter_code
;SMPKSMQCKVILLDGSEYTCDVEKRSRGQVLFDKVCEHLNLLEKDYFGLTYRDAENQKNWLDPAKEIKKQVRSGAWHFSF
NVKFYPPDPAQLSEDITRYYLCLQLRDDIVSGRLPCSFVTLALLGSYTVQSELGDYDPDECGSDYISEFRFAPNHTKELE
DKVIELHKSHRGMTPAEAEMHFLENAKKLSMYGVDLHHAKDSEGVEIMLGVCASGLLIYRDRLRINRFAWPKVLKISYKR
NNFYIKIRPGEFEQFESTIGFKLPNHRAAKRLWKVCVEHHTFFRLL
;
_entity_poly.pdbx_strand_id   A
#
# COMPACT_ATOMS: atom_id res chain seq x y z
N PRO A 3 -3.63 25.88 -25.53
CA PRO A 3 -3.44 25.25 -24.19
C PRO A 3 -2.60 23.97 -24.28
N LYS A 4 -1.34 24.03 -23.85
CA LYS A 4 -0.37 22.93 -24.08
C LYS A 4 -0.60 21.79 -23.08
N SER A 5 -0.72 20.57 -23.60
N SER A 5 -0.75 20.58 -23.62
CA SER A 5 -1.03 19.34 -22.81
CA SER A 5 -1.01 19.32 -22.88
C SER A 5 0.16 18.39 -22.79
C SER A 5 0.29 18.54 -22.69
N MET A 6 0.37 17.69 -21.67
CA MET A 6 1.48 16.72 -21.47
C MET A 6 0.86 15.33 -21.43
N GLN A 7 1.46 14.38 -22.12
CA GLN A 7 1.03 12.98 -22.11
C GLN A 7 1.41 12.35 -20.77
N CYS A 8 0.47 11.71 -20.10
CA CYS A 8 0.70 11.01 -18.81
C CYS A 8 0.51 9.54 -19.05
N LYS A 9 1.40 8.72 -18.51
CA LYS A 9 1.27 7.25 -18.56
C LYS A 9 1.15 6.73 -17.12
N VAL A 10 0.11 5.94 -16.89
CA VAL A 10 -0.21 5.43 -15.53
C VAL A 10 -0.23 3.91 -15.60
N ILE A 11 0.67 3.26 -14.86
CA ILE A 11 0.61 1.79 -14.62
C ILE A 11 -0.56 1.54 -13.65
N LEU A 12 -1.55 0.79 -14.14
CA LEU A 12 -2.73 0.33 -13.37
C LEU A 12 -2.38 -0.93 -12.57
N LEU A 13 -3.19 -1.26 -11.58
CA LEU A 13 -2.87 -2.36 -10.64
C LEU A 13 -2.92 -3.72 -11.32
N ASP A 14 -3.58 -3.85 -12.49
CA ASP A 14 -3.59 -5.12 -13.30
C ASP A 14 -2.39 -5.15 -14.24
N GLY A 15 -1.49 -4.16 -14.13
CA GLY A 15 -0.20 -4.15 -14.86
C GLY A 15 -0.33 -3.50 -16.23
N SER A 16 -1.54 -3.12 -16.64
CA SER A 16 -1.73 -2.41 -17.92
C SER A 16 -1.45 -0.90 -17.72
N GLU A 17 -1.44 -0.19 -18.84
CA GLU A 17 -1.01 1.22 -18.96
C GLU A 17 -2.20 2.07 -19.40
N TYR A 18 -2.54 3.12 -18.66
CA TYR A 18 -3.52 4.13 -19.12
C TYR A 18 -2.72 5.37 -19.55
N THR A 19 -3.06 5.90 -20.72
CA THR A 19 -2.44 7.11 -21.31
C THR A 19 -3.53 8.15 -21.45
N CYS A 20 -3.27 9.37 -20.98
CA CYS A 20 -4.13 10.54 -21.21
C CYS A 20 -3.24 11.76 -21.32
N ASP A 21 -3.85 12.90 -21.60
CA ASP A 21 -3.16 14.22 -21.64
C ASP A 21 -3.81 15.09 -20.58
N VAL A 22 -3.03 15.95 -19.96
CA VAL A 22 -3.54 17.06 -19.10
C VAL A 22 -2.81 18.35 -19.50
N GLU A 23 -3.43 19.50 -19.29
CA GLU A 23 -2.76 20.81 -19.41
C GLU A 23 -1.47 20.76 -18.57
N LYS A 24 -0.37 21.28 -19.09
CA LYS A 24 0.98 21.12 -18.46
C LYS A 24 1.03 21.77 -17.06
N ARG A 25 0.15 22.74 -16.75
CA ARG A 25 0.09 23.38 -15.40
C ARG A 25 -0.92 22.66 -14.49
N SER A 26 -1.44 21.52 -14.90
CA SER A 26 -2.44 20.74 -14.10
C SER A 26 -1.93 20.35 -12.71
N ARG A 27 -2.86 20.34 -11.75
CA ARG A 27 -2.62 19.78 -10.39
C ARG A 27 -2.81 18.27 -10.48
N GLY A 28 -2.20 17.54 -9.55
CA GLY A 28 -2.31 16.07 -9.52
C GLY A 28 -3.75 15.59 -9.57
N GLN A 29 -4.68 16.26 -8.85
CA GLN A 29 -6.10 15.84 -8.76
C GLN A 29 -6.70 15.61 -10.15
N VAL A 30 -6.33 16.45 -11.12
CA VAL A 30 -6.87 16.43 -12.53
C VAL A 30 -6.57 15.07 -13.13
N LEU A 31 -5.30 14.63 -13.10
CA LEU A 31 -4.90 13.29 -13.62
C LEU A 31 -5.54 12.18 -12.78
N PHE A 32 -5.52 12.30 -11.46
CA PHE A 32 -6.11 11.27 -10.57
C PHE A 32 -7.61 11.09 -10.90
N ASP A 33 -8.35 12.18 -11.04
CA ASP A 33 -9.79 12.16 -11.44
C ASP A 33 -9.95 11.39 -12.75
N LYS A 34 -9.11 11.62 -13.75
CA LYS A 34 -9.16 10.89 -15.05
C LYS A 34 -8.90 9.39 -14.82
N VAL A 35 -7.91 9.00 -14.02
CA VAL A 35 -7.58 7.56 -13.83
C VAL A 35 -8.75 6.86 -13.11
N CYS A 36 -9.29 7.51 -12.08
CA CYS A 36 -10.41 6.96 -11.28
C CYS A 36 -11.65 6.80 -12.16
N GLU A 37 -11.96 7.79 -12.99
CA GLU A 37 -13.08 7.68 -13.97
C GLU A 37 -12.83 6.46 -14.86
N HIS A 38 -11.66 6.36 -15.51
CA HIS A 38 -11.29 5.17 -16.30
C HIS A 38 -11.56 3.88 -15.52
N LEU A 39 -11.20 3.84 -14.24
CA LEU A 39 -11.29 2.61 -13.39
C LEU A 39 -12.70 2.40 -12.86
N ASN A 40 -13.62 3.36 -13.07
CA ASN A 40 -15.00 3.36 -12.53
C ASN A 40 -14.96 3.32 -11.01
N LEU A 41 -14.06 4.08 -10.40
CA LEU A 41 -13.80 4.02 -8.94
C LEU A 41 -14.37 5.30 -8.31
N LEU A 42 -15.27 5.13 -7.34
CA LEU A 42 -15.95 6.22 -6.62
C LEU A 42 -15.32 6.42 -5.25
N GLU A 43 -14.90 5.35 -4.59
CA GLU A 43 -14.30 5.47 -3.25
C GLU A 43 -12.82 5.79 -3.44
N LYS A 44 -12.53 7.01 -3.89
CA LYS A 44 -11.20 7.42 -4.41
C LYS A 44 -10.23 7.74 -3.26
N ASP A 45 -10.78 8.01 -2.07
CA ASP A 45 -10.04 8.54 -0.90
C ASP A 45 -8.92 7.59 -0.49
N TYR A 46 -9.04 6.28 -0.73
CA TYR A 46 -8.02 5.28 -0.30
C TYR A 46 -6.80 5.23 -1.24
N PHE A 47 -6.88 5.88 -2.39
CA PHE A 47 -5.93 5.67 -3.52
C PHE A 47 -5.16 6.94 -3.84
N GLY A 48 -4.11 6.81 -4.64
CA GLY A 48 -3.34 7.97 -5.12
C GLY A 48 -2.47 7.53 -6.26
N LEU A 49 -1.71 8.47 -6.81
CA LEU A 49 -0.68 8.20 -7.83
C LEU A 49 0.68 8.36 -7.20
N THR A 50 1.61 7.49 -7.60
CA THR A 50 3.03 7.55 -7.20
C THR A 50 3.84 7.88 -8.47
N TYR A 51 4.98 8.53 -8.26
CA TYR A 51 6.00 8.75 -9.31
C TYR A 51 7.36 8.47 -8.68
N ARG A 52 8.37 8.26 -9.52
CA ARG A 52 9.78 8.04 -9.10
C ARG A 52 10.49 9.38 -9.22
N ASP A 53 11.13 9.85 -8.15
CA ASP A 53 11.84 11.15 -8.16
C ASP A 53 13.18 10.93 -8.84
N ALA A 54 14.00 11.99 -8.89
CA ALA A 54 15.36 12.01 -9.47
C ALA A 54 16.29 11.02 -8.73
N GLU A 55 16.00 10.69 -7.47
CA GLU A 55 16.79 9.68 -6.69
C GLU A 55 16.21 8.27 -6.91
N ASN A 56 15.19 8.12 -7.78
CA ASN A 56 14.43 6.86 -8.05
C ASN A 56 13.61 6.41 -6.82
N GLN A 57 13.22 7.32 -5.93
CA GLN A 57 12.36 6.96 -4.77
C GLN A 57 10.89 7.11 -5.20
N LYS A 58 10.01 6.25 -4.67
CA LYS A 58 8.54 6.39 -4.85
C LYS A 58 8.08 7.58 -4.01
N ASN A 59 7.32 8.49 -4.62
CA ASN A 59 6.69 9.63 -3.95
C ASN A 59 5.21 9.59 -4.28
N TRP A 60 4.34 10.01 -3.35
CA TRP A 60 2.92 10.28 -3.66
C TRP A 60 2.83 11.58 -4.46
N LEU A 61 2.09 11.55 -5.55
CA LEU A 61 1.73 12.77 -6.30
C LEU A 61 0.72 13.54 -5.43
N ASP A 62 1.05 14.77 -5.07
CA ASP A 62 0.14 15.60 -4.25
C ASP A 62 -0.95 16.14 -5.15
N PRO A 63 -2.23 15.75 -4.93
CA PRO A 63 -3.32 16.18 -5.81
C PRO A 63 -3.53 17.70 -5.81
N ALA A 64 -3.08 18.38 -4.76
CA ALA A 64 -3.28 19.84 -4.56
C ALA A 64 -2.20 20.67 -5.25
N LYS A 65 -1.13 20.05 -5.73
CA LYS A 65 0.07 20.75 -6.27
C LYS A 65 0.23 20.43 -7.75
N GLU A 66 0.86 21.33 -8.49
CA GLU A 66 1.11 21.14 -9.93
C GLU A 66 1.90 19.84 -10.14
N ILE A 67 1.54 19.07 -11.16
CA ILE A 67 2.26 17.83 -11.52
C ILE A 67 3.70 18.19 -11.87
N LYS A 68 3.89 19.23 -12.69
CA LYS A 68 5.24 19.59 -13.20
C LYS A 68 6.14 19.96 -12.02
N LYS A 69 5.62 20.48 -10.92
CA LYS A 69 6.47 20.89 -9.77
C LYS A 69 6.82 19.68 -8.90
N GLN A 70 6.26 18.52 -9.20
CA GLN A 70 6.58 17.28 -8.45
C GLN A 70 7.50 16.41 -9.29
N VAL A 71 7.15 16.16 -10.56
CA VAL A 71 7.95 15.24 -11.43
C VAL A 71 9.21 15.98 -11.90
N ARG A 72 9.14 17.31 -11.93
CA ARG A 72 10.26 18.25 -12.19
C ARG A 72 10.92 17.86 -13.51
N SER A 73 12.09 17.23 -13.47
CA SER A 73 12.92 16.89 -14.66
C SER A 73 12.56 15.49 -15.17
N GLY A 74 11.78 14.72 -14.41
CA GLY A 74 11.44 13.32 -14.76
C GLY A 74 10.27 13.20 -15.73
N ALA A 75 10.05 11.97 -16.19
CA ALA A 75 8.96 11.59 -17.11
C ALA A 75 7.63 11.74 -16.38
N TRP A 76 6.57 12.00 -17.13
CA TRP A 76 5.20 12.03 -16.58
C TRP A 76 4.65 10.60 -16.59
N HIS A 77 5.27 9.76 -15.79
CA HIS A 77 4.96 8.32 -15.66
C HIS A 77 4.56 8.06 -14.21
N PHE A 78 3.48 7.36 -14.00
CA PHE A 78 2.94 7.21 -12.64
C PHE A 78 2.46 5.77 -12.49
N SER A 79 2.23 5.38 -11.25
CA SER A 79 1.48 4.14 -10.90
C SER A 79 0.25 4.55 -10.09
N PHE A 80 -0.82 3.81 -10.26
CA PHE A 80 -2.05 3.89 -9.45
C PHE A 80 -1.92 2.93 -8.29
N ASN A 81 -2.08 3.43 -7.06
CA ASN A 81 -1.83 2.63 -5.84
C ASN A 81 -2.82 2.94 -4.72
N VAL A 82 -2.97 1.96 -3.84
CA VAL A 82 -3.61 2.15 -2.52
C VAL A 82 -2.69 3.02 -1.67
N LYS A 83 -3.19 4.15 -1.20
CA LYS A 83 -2.44 5.06 -0.30
C LYS A 83 -2.80 4.75 1.16
N PHE A 84 -4.08 4.59 1.46
CA PHE A 84 -4.61 4.34 2.82
C PHE A 84 -5.33 2.99 2.83
N TYR A 85 -4.69 1.99 3.43
CA TYR A 85 -5.22 0.59 3.48
C TYR A 85 -6.32 0.55 4.54
N PRO A 86 -7.59 0.34 4.17
CA PRO A 86 -8.67 0.37 5.16
C PRO A 86 -8.49 -0.75 6.17
N PRO A 87 -8.50 -0.50 7.50
CA PRO A 87 -8.40 -1.58 8.48
C PRO A 87 -9.52 -2.62 8.35
N ASP A 88 -10.68 -2.22 7.86
CA ASP A 88 -11.83 -3.14 7.74
C ASP A 88 -12.44 -3.00 6.36
N PRO A 89 -11.90 -3.74 5.36
CA PRO A 89 -12.36 -3.60 3.98
C PRO A 89 -13.85 -3.96 3.80
N ALA A 90 -14.44 -4.75 4.70
CA ALA A 90 -15.88 -5.09 4.70
C ALA A 90 -16.70 -3.79 4.78
N GLN A 91 -16.14 -2.72 5.30
CA GLN A 91 -16.91 -1.45 5.49
C GLN A 91 -16.84 -0.57 4.25
N LEU A 92 -16.01 -0.88 3.24
CA LEU A 92 -16.02 -0.10 1.99
C LEU A 92 -17.39 -0.31 1.35
N SER A 93 -17.91 0.68 0.66
CA SER A 93 -19.31 0.64 0.18
C SER A 93 -19.39 -0.15 -1.14
N GLU A 94 -18.31 -0.24 -1.93
CA GLU A 94 -18.38 -0.90 -3.25
C GLU A 94 -17.43 -2.07 -3.37
N ASP A 95 -17.91 -3.08 -4.09
CA ASP A 95 -17.13 -4.26 -4.48
C ASP A 95 -15.93 -3.80 -5.32
N ILE A 96 -16.05 -2.80 -6.19
CA ILE A 96 -14.94 -2.47 -7.13
C ILE A 96 -13.78 -1.90 -6.33
N THR A 97 -14.06 -1.18 -5.24
CA THR A 97 -13.05 -0.70 -4.28
C THR A 97 -12.31 -1.90 -3.71
N ARG A 98 -13.04 -2.92 -3.26
CA ARG A 98 -12.38 -4.09 -2.64
C ARG A 98 -11.53 -4.78 -3.71
N TYR A 99 -11.96 -4.76 -4.97
CA TYR A 99 -11.24 -5.38 -6.13
C TYR A 99 -9.87 -4.72 -6.31
N TYR A 100 -9.79 -3.39 -6.39
CA TYR A 100 -8.50 -2.68 -6.58
C TYR A 100 -7.65 -2.94 -5.35
N LEU A 101 -8.25 -2.95 -4.16
CA LEU A 101 -7.49 -3.22 -2.91
C LEU A 101 -6.86 -4.62 -3.04
N CYS A 102 -7.61 -5.60 -3.55
CA CYS A 102 -7.09 -6.97 -3.78
C CYS A 102 -5.91 -6.90 -4.76
N LEU A 103 -6.08 -6.19 -5.87
CA LEU A 103 -5.00 -6.11 -6.87
C LEU A 103 -3.75 -5.58 -6.18
N GLN A 104 -3.88 -4.54 -5.35
CA GLN A 104 -2.71 -3.89 -4.74
C GLN A 104 -2.04 -4.90 -3.82
N LEU A 105 -2.84 -5.59 -3.00
CA LEU A 105 -2.31 -6.52 -1.99
C LEU A 105 -1.62 -7.69 -2.69
N ARG A 106 -2.13 -8.16 -3.81
CA ARG A 106 -1.47 -9.24 -4.59
C ARG A 106 -0.07 -8.80 -5.00
N ASP A 107 0.10 -7.53 -5.38
CA ASP A 107 1.42 -6.98 -5.74
C ASP A 107 2.27 -6.82 -4.50
N ASP A 108 1.70 -6.36 -3.39
CA ASP A 108 2.38 -6.28 -2.09
C ASP A 108 2.94 -7.66 -1.74
N ILE A 109 2.17 -8.72 -1.98
CA ILE A 109 2.59 -10.09 -1.59
C ILE A 109 3.71 -10.56 -2.53
N VAL A 110 3.51 -10.49 -3.84
CA VAL A 110 4.47 -11.02 -4.86
C VAL A 110 5.83 -10.31 -4.67
N SER A 111 5.79 -9.01 -4.38
CA SER A 111 6.96 -8.11 -4.29
C SER A 111 7.75 -8.43 -3.03
N GLY A 112 7.11 -9.06 -2.03
CA GLY A 112 7.71 -9.33 -0.70
C GLY A 112 7.51 -8.20 0.30
N ARG A 113 6.83 -7.11 -0.06
CA ARG A 113 6.51 -6.01 0.90
C ARG A 113 5.55 -6.49 1.97
N LEU A 114 4.74 -7.52 1.70
CA LEU A 114 3.72 -8.02 2.67
C LEU A 114 4.06 -9.47 2.95
N PRO A 115 4.89 -9.74 3.97
CA PRO A 115 5.30 -11.10 4.28
C PRO A 115 4.08 -11.89 4.68
N CYS A 116 4.14 -13.20 4.43
N CYS A 116 4.06 -13.15 4.25
CA CYS A 116 2.98 -14.10 4.49
CA CYS A 116 2.97 -14.14 4.47
C CYS A 116 3.45 -15.55 4.66
C CYS A 116 3.56 -15.51 4.79
N SER A 117 2.83 -16.31 5.56
CA SER A 117 3.12 -17.75 5.78
C SER A 117 2.74 -18.53 4.50
N PHE A 118 3.36 -19.68 4.30
CA PHE A 118 2.94 -20.69 3.30
C PHE A 118 1.40 -20.78 3.19
N VAL A 119 0.74 -21.05 4.31
CA VAL A 119 -0.71 -21.37 4.30
C VAL A 119 -1.48 -20.13 3.88
N THR A 120 -1.12 -18.94 4.38
CA THR A 120 -1.83 -17.72 3.98
C THR A 120 -1.57 -17.41 2.51
N LEU A 121 -0.33 -17.58 2.02
CA LEU A 121 -0.08 -17.44 0.57
C LEU A 121 -1.06 -18.32 -0.23
N ALA A 122 -1.18 -19.60 0.13
CA ALA A 122 -2.03 -20.56 -0.60
C ALA A 122 -3.50 -20.16 -0.47
N LEU A 123 -3.92 -19.74 0.73
CA LEU A 123 -5.33 -19.36 0.96
C LEU A 123 -5.69 -18.14 0.12
N LEU A 124 -4.87 -17.09 0.21
CA LEU A 124 -5.03 -15.86 -0.60
C LEU A 124 -4.99 -16.20 -2.10
N GLY A 125 -4.03 -17.03 -2.54
CA GLY A 125 -4.00 -17.50 -3.93
C GLY A 125 -5.33 -18.17 -4.34
N SER A 126 -5.86 -19.04 -3.48
CA SER A 126 -7.08 -19.82 -3.76
C SER A 126 -8.30 -18.90 -3.95
N TYR A 127 -8.40 -17.80 -3.21
CA TYR A 127 -9.49 -16.80 -3.37
C TYR A 127 -9.30 -16.01 -4.67
N THR A 128 -8.08 -15.60 -4.98
CA THR A 128 -7.78 -14.93 -6.28
C THR A 128 -8.23 -15.87 -7.41
N VAL A 129 -7.80 -17.13 -7.38
CA VAL A 129 -8.18 -18.08 -8.47
C VAL A 129 -9.70 -18.21 -8.49
N GLN A 130 -10.36 -18.35 -7.34
CA GLN A 130 -11.83 -18.51 -7.32
C GLN A 130 -12.48 -17.29 -7.97
N SER A 131 -12.08 -16.09 -7.57
N SER A 131 -12.04 -16.08 -7.59
CA SER A 131 -12.58 -14.80 -8.11
CA SER A 131 -12.57 -14.79 -8.09
C SER A 131 -12.36 -14.74 -9.63
C SER A 131 -12.32 -14.65 -9.60
N GLU A 132 -11.16 -15.08 -10.08
CA GLU A 132 -10.76 -14.91 -11.52
C GLU A 132 -11.19 -16.06 -12.45
N LEU A 133 -11.11 -17.34 -12.04
CA LEU A 133 -11.51 -18.46 -12.94
C LEU A 133 -12.87 -19.02 -12.54
N GLY A 134 -13.34 -18.76 -11.33
CA GLY A 134 -14.58 -19.41 -10.84
C GLY A 134 -14.27 -20.79 -10.28
N ASP A 135 -15.24 -21.69 -10.33
CA ASP A 135 -15.18 -23.01 -9.67
C ASP A 135 -13.99 -23.77 -10.19
N TYR A 136 -13.27 -24.47 -9.31
CA TYR A 136 -12.23 -25.46 -9.65
C TYR A 136 -12.71 -26.37 -10.79
N ASP A 137 -11.86 -26.54 -11.79
CA ASP A 137 -12.06 -27.44 -12.96
C ASP A 137 -10.85 -28.36 -13.06
N PRO A 138 -11.03 -29.69 -12.87
CA PRO A 138 -9.92 -30.64 -13.02
C PRO A 138 -9.32 -30.77 -14.44
N ASP A 139 -10.09 -30.35 -15.46
CA ASP A 139 -9.72 -30.44 -16.90
C ASP A 139 -8.51 -29.55 -17.18
N GLU A 140 -8.41 -28.41 -16.48
CA GLU A 140 -7.33 -27.40 -16.67
C GLU A 140 -6.07 -27.82 -15.88
N CYS A 141 -6.25 -28.49 -14.74
CA CYS A 141 -5.16 -28.78 -13.77
C CYS A 141 -4.97 -30.29 -13.61
N GLY A 142 -3.88 -30.82 -14.16
CA GLY A 142 -3.37 -32.17 -13.86
C GLY A 142 -2.52 -32.15 -12.60
N SER A 143 -1.83 -33.25 -12.29
CA SER A 143 -0.92 -33.34 -11.12
C SER A 143 0.26 -32.36 -11.30
N ASP A 144 0.53 -31.90 -12.53
CA ASP A 144 1.68 -31.02 -12.88
C ASP A 144 1.25 -29.55 -13.11
N TYR A 145 0.09 -29.11 -12.62
CA TYR A 145 -0.44 -27.75 -12.90
C TYR A 145 0.38 -26.67 -12.18
N ILE A 146 0.71 -25.60 -12.92
CA ILE A 146 1.31 -24.33 -12.39
C ILE A 146 0.52 -23.14 -12.96
N SER A 147 -0.18 -22.41 -12.09
CA SER A 147 -1.04 -21.25 -12.43
C SER A 147 -0.22 -20.17 -13.13
N GLU A 148 -0.83 -19.44 -14.06
CA GLU A 148 -0.23 -18.20 -14.64
C GLU A 148 -0.14 -17.17 -13.51
N PHE A 149 -0.97 -17.32 -12.46
CA PHE A 149 -1.13 -16.32 -11.39
C PHE A 149 0.13 -16.37 -10.55
N ARG A 150 0.61 -15.18 -10.20
CA ARG A 150 1.71 -14.91 -9.28
C ARG A 150 1.09 -14.79 -7.88
N PHE A 151 1.53 -15.65 -6.97
CA PHE A 151 0.96 -15.81 -5.61
C PHE A 151 1.96 -15.42 -4.53
N ALA A 152 3.25 -15.34 -4.86
CA ALA A 152 4.31 -15.28 -3.83
C ALA A 152 5.63 -14.81 -4.42
N PRO A 153 6.51 -14.26 -3.59
CA PRO A 153 7.81 -13.81 -4.06
C PRO A 153 8.52 -15.01 -4.73
N ASN A 154 8.42 -16.21 -4.13
CA ASN A 154 9.06 -17.44 -4.64
C ASN A 154 8.01 -18.56 -4.74
N HIS A 155 7.76 -19.04 -5.95
CA HIS A 155 6.78 -20.12 -6.22
C HIS A 155 7.45 -21.48 -6.03
N THR A 156 6.74 -22.42 -5.40
CA THR A 156 7.13 -23.85 -5.32
C THR A 156 5.96 -24.69 -5.80
N LYS A 157 6.23 -25.92 -6.23
CA LYS A 157 5.16 -26.85 -6.63
C LYS A 157 4.24 -27.12 -5.44
N GLU A 158 4.80 -27.26 -4.24
CA GLU A 158 3.99 -27.45 -2.99
C GLU A 158 2.97 -26.32 -2.86
N LEU A 159 3.39 -25.07 -3.15
CA LEU A 159 2.48 -23.93 -2.96
C LEU A 159 1.36 -24.03 -4.00
N GLU A 160 1.70 -24.34 -5.26
CA GLU A 160 0.71 -24.45 -6.36
C GLU A 160 -0.30 -25.53 -6.01
N ASP A 161 0.17 -26.65 -5.43
CA ASP A 161 -0.70 -27.79 -5.04
C ASP A 161 -1.67 -27.32 -3.93
N LYS A 162 -1.16 -26.52 -2.99
CA LYS A 162 -2.00 -26.08 -1.84
C LYS A 162 -3.06 -25.09 -2.32
N VAL A 163 -2.72 -24.17 -3.23
CA VAL A 163 -3.72 -23.27 -3.87
C VAL A 163 -4.86 -24.12 -4.45
N ILE A 164 -4.52 -25.15 -5.21
CA ILE A 164 -5.54 -25.98 -5.90
C ILE A 164 -6.42 -26.67 -4.86
N GLU A 165 -5.80 -27.27 -3.83
CA GLU A 165 -6.54 -27.97 -2.76
C GLU A 165 -7.53 -27.00 -2.13
N LEU A 166 -7.10 -25.75 -1.80
CA LEU A 166 -8.02 -24.77 -1.17
C LEU A 166 -9.04 -24.29 -2.20
N HIS A 167 -8.63 -24.14 -3.46
CA HIS A 167 -9.56 -23.70 -4.54
C HIS A 167 -10.73 -24.71 -4.65
N LYS A 168 -10.46 -26.00 -4.51
CA LYS A 168 -11.53 -27.03 -4.56
C LYS A 168 -12.64 -26.73 -3.55
N SER A 169 -12.30 -26.18 -2.38
CA SER A 169 -13.24 -25.96 -1.25
C SER A 169 -14.14 -24.75 -1.53
N HIS A 170 -13.85 -23.91 -2.53
CA HIS A 170 -14.55 -22.60 -2.69
C HIS A 170 -15.68 -22.68 -3.74
N ARG A 171 -16.09 -23.88 -4.14
CA ARG A 171 -17.12 -24.08 -5.19
C ARG A 171 -18.36 -23.24 -4.87
N GLY A 172 -18.85 -22.48 -5.85
CA GLY A 172 -20.08 -21.67 -5.78
C GLY A 172 -19.80 -20.28 -5.24
N MET A 173 -18.53 -19.97 -4.95
CA MET A 173 -18.16 -18.66 -4.39
C MET A 173 -18.09 -17.66 -5.52
N THR A 174 -18.70 -16.50 -5.31
CA THR A 174 -18.80 -15.41 -6.31
C THR A 174 -17.53 -14.55 -6.21
N PRO A 175 -17.17 -13.81 -7.28
CA PRO A 175 -15.95 -13.01 -7.26
C PRO A 175 -15.91 -12.07 -6.06
N ALA A 176 -17.01 -11.39 -5.77
CA ALA A 176 -17.09 -10.37 -4.69
C ALA A 176 -16.89 -11.07 -3.35
N GLU A 177 -17.42 -12.29 -3.24
CA GLU A 177 -17.36 -13.11 -2.01
C GLU A 177 -15.92 -13.60 -1.78
N ALA A 178 -15.26 -14.13 -2.82
CA ALA A 178 -13.83 -14.56 -2.77
C ALA A 178 -12.94 -13.34 -2.45
N GLU A 179 -13.20 -12.19 -3.06
CA GLU A 179 -12.42 -10.95 -2.79
C GLU A 179 -12.61 -10.51 -1.33
N MET A 180 -13.84 -10.55 -0.81
CA MET A 180 -14.06 -10.22 0.62
C MET A 180 -13.26 -11.21 1.51
N HIS A 181 -13.28 -12.51 1.23
CA HIS A 181 -12.50 -13.50 2.00
C HIS A 181 -10.99 -13.21 1.89
N PHE A 182 -10.55 -12.88 0.71
CA PHE A 182 -9.13 -12.48 0.49
C PHE A 182 -8.80 -11.40 1.50
N LEU A 183 -9.63 -10.36 1.56
CA LEU A 183 -9.34 -9.17 2.40
C LEU A 183 -9.46 -9.49 3.89
N GLU A 184 -10.41 -10.33 4.31
CA GLU A 184 -10.57 -10.73 5.73
C GLU A 184 -9.27 -11.34 6.24
N ASN A 185 -8.58 -12.15 5.41
CA ASN A 185 -7.29 -12.80 5.76
C ASN A 185 -6.13 -11.78 5.65
N ALA A 186 -6.06 -11.04 4.53
CA ALA A 186 -4.93 -10.13 4.25
C ALA A 186 -4.84 -9.06 5.33
N LYS A 187 -5.99 -8.53 5.77
CA LYS A 187 -6.07 -7.36 6.68
C LYS A 187 -5.45 -7.73 8.03
N LYS A 188 -5.24 -9.01 8.32
CA LYS A 188 -4.79 -9.46 9.65
C LYS A 188 -3.28 -9.64 9.67
N LEU A 189 -2.63 -9.62 8.50
CA LEU A 189 -1.18 -9.81 8.39
C LEU A 189 -0.47 -8.65 9.11
N SER A 190 0.58 -8.96 9.85
CA SER A 190 1.25 -7.97 10.72
C SER A 190 1.77 -6.80 9.88
N MET A 191 2.08 -6.98 8.58
CA MET A 191 2.59 -5.86 7.74
C MET A 191 1.50 -5.33 6.81
N TYR A 192 0.24 -5.68 7.03
CA TYR A 192 -0.86 -5.11 6.19
C TYR A 192 -0.87 -3.59 6.29
N GLY A 193 -0.72 -2.92 5.16
CA GLY A 193 -0.82 -1.47 5.02
C GLY A 193 0.27 -0.73 5.77
N VAL A 194 1.41 -1.38 6.03
CA VAL A 194 2.56 -0.74 6.71
C VAL A 194 3.49 -0.19 5.63
N ASP A 195 3.65 1.13 5.57
CA ASP A 195 4.66 1.79 4.72
C ASP A 195 5.98 1.85 5.50
N LEU A 196 7.01 1.15 5.05
CA LEU A 196 8.32 1.00 5.75
C LEU A 196 9.32 2.04 5.26
N HIS A 197 10.03 2.67 6.21
CA HIS A 197 11.08 3.67 5.95
C HIS A 197 12.33 3.27 6.74
N HIS A 198 13.46 3.06 6.05
CA HIS A 198 14.81 2.92 6.66
C HIS A 198 15.17 4.19 7.45
N ALA A 199 15.76 4.02 8.64
CA ALA A 199 16.10 5.11 9.57
C ALA A 199 17.16 4.63 10.55
N LYS A 200 17.76 5.58 11.27
CA LYS A 200 18.67 5.33 12.42
C LYS A 200 18.06 6.00 13.65
N ASP A 201 18.17 5.33 14.81
CA ASP A 201 17.71 5.88 16.11
C ASP A 201 18.74 6.92 16.55
N SER A 202 18.45 7.65 17.62
CA SER A 202 19.30 8.71 18.21
C SER A 202 20.73 8.21 18.48
N GLU A 203 20.95 6.88 18.58
CA GLU A 203 22.28 6.29 18.86
C GLU A 203 22.94 5.80 17.56
N GLY A 204 22.35 6.03 16.39
CA GLY A 204 22.91 5.58 15.10
C GLY A 204 22.59 4.12 14.76
N VAL A 205 21.78 3.42 15.58
CA VAL A 205 21.37 2.01 15.29
C VAL A 205 20.28 2.04 14.21
N GLU A 206 20.42 1.18 13.20
CA GLU A 206 19.56 1.05 12.00
C GLU A 206 18.24 0.43 12.41
N ILE A 207 17.15 1.13 12.16
CA ILE A 207 15.77 0.68 12.49
C ILE A 207 14.94 0.76 11.22
N MET A 208 13.70 0.30 11.31
CA MET A 208 12.64 0.61 10.32
C MET A 208 11.53 1.33 11.07
N LEU A 209 10.96 2.33 10.40
CA LEU A 209 9.74 3.03 10.85
C LEU A 209 8.60 2.61 9.92
N GLY A 210 7.51 2.11 10.52
CA GLY A 210 6.30 1.72 9.79
C GLY A 210 5.21 2.74 10.01
N VAL A 211 4.54 3.14 8.93
CA VAL A 211 3.38 4.06 9.01
C VAL A 211 2.15 3.29 8.58
N CYS A 212 1.10 3.33 9.39
CA CYS A 212 -0.16 2.62 9.12
C CYS A 212 -1.32 3.30 9.84
N ALA A 213 -2.52 2.77 9.66
CA ALA A 213 -3.79 3.32 10.18
C ALA A 213 -3.74 3.56 11.71
N SER A 214 -3.16 2.61 12.45
CA SER A 214 -3.16 2.62 13.93
C SER A 214 -2.16 3.67 14.43
N GLY A 215 -0.96 3.71 13.85
CA GLY A 215 0.07 4.69 14.27
C GLY A 215 1.42 4.47 13.63
N LEU A 216 2.46 4.79 14.38
CA LEU A 216 3.86 4.70 13.93
C LEU A 216 4.49 3.53 14.66
N LEU A 217 5.13 2.62 13.92
CA LEU A 217 5.80 1.43 14.49
C LEU A 217 7.31 1.63 14.38
N ILE A 218 8.05 1.30 15.44
CA ILE A 218 9.54 1.31 15.39
C ILE A 218 9.97 -0.15 15.49
N TYR A 219 10.55 -0.69 14.41
CA TYR A 219 11.12 -2.06 14.36
C TYR A 219 12.60 -2.00 14.74
N ARG A 220 12.89 -2.04 16.04
CA ARG A 220 14.25 -1.81 16.61
C ARG A 220 15.06 -3.10 16.43
N ASP A 221 14.62 -4.21 17.03
CA ASP A 221 15.09 -5.59 16.77
C ASP A 221 13.88 -6.52 16.84
N ARG A 222 14.06 -7.83 16.62
CA ARG A 222 12.94 -8.81 16.62
C ARG A 222 12.35 -8.91 18.04
N LEU A 223 13.14 -8.53 19.05
CA LEU A 223 12.67 -8.39 20.47
C LEU A 223 12.38 -6.91 20.74
N ARG A 224 11.13 -6.60 21.12
CA ARG A 224 10.59 -5.22 21.35
C ARG A 224 10.37 -4.51 20.01
N ILE A 225 9.10 -4.32 19.63
CA ILE A 225 8.63 -3.37 18.59
C ILE A 225 7.85 -2.28 19.32
N ASN A 226 8.34 -1.03 19.26
CA ASN A 226 7.66 0.14 19.89
C ASN A 226 6.54 0.59 18.95
N ARG A 227 5.41 1.01 19.52
CA ARG A 227 4.18 1.41 18.79
C ARG A 227 3.63 2.70 19.38
N PHE A 228 3.42 3.72 18.54
CA PHE A 228 2.84 5.01 18.96
C PHE A 228 1.50 5.12 18.23
N ALA A 229 0.40 4.78 18.90
CA ALA A 229 -0.97 5.02 18.39
C ALA A 229 -1.05 6.49 17.98
N TRP A 230 -1.75 6.82 16.89
CA TRP A 230 -1.84 8.22 16.40
C TRP A 230 -2.29 9.19 17.49
N PRO A 231 -3.27 8.84 18.36
CA PRO A 231 -3.70 9.77 19.41
C PRO A 231 -2.55 10.16 20.35
N LYS A 232 -1.61 9.25 20.62
CA LYS A 232 -0.44 9.48 21.52
C LYS A 232 0.62 10.38 20.86
N VAL A 233 0.39 10.89 19.63
CA VAL A 233 1.37 11.71 18.86
C VAL A 233 0.81 13.10 18.63
N LEU A 234 1.37 14.15 19.25
CA LEU A 234 0.82 15.54 19.12
C LEU A 234 1.47 16.26 17.95
N LYS A 235 2.77 16.03 17.74
CA LYS A 235 3.53 16.78 16.72
C LYS A 235 4.53 15.83 16.04
N ILE A 236 4.55 15.98 14.72
CA ILE A 236 5.44 15.31 13.73
C ILE A 236 6.23 16.45 13.06
N SER A 237 7.55 16.41 13.09
CA SER A 237 8.38 17.45 12.45
C SER A 237 9.57 16.80 11.74
N TYR A 238 10.16 17.53 10.79
CA TYR A 238 11.47 17.16 10.20
C TYR A 238 12.37 18.41 10.16
N LYS A 239 13.66 18.18 10.19
CA LYS A 239 14.66 19.27 10.09
C LYS A 239 15.93 18.62 9.58
N ARG A 240 16.46 19.06 8.44
CA ARG A 240 17.68 18.50 7.82
C ARG A 240 17.40 17.02 7.50
N ASN A 241 18.20 16.09 8.05
CA ASN A 241 18.07 14.63 7.80
C ASN A 241 17.30 13.99 8.96
N ASN A 242 16.71 14.80 9.84
CA ASN A 242 16.08 14.27 11.08
C ASN A 242 14.56 14.32 11.02
N PHE A 243 13.95 13.29 11.60
CA PHE A 243 12.49 13.21 11.81
C PHE A 243 12.25 13.09 13.31
N TYR A 244 11.30 13.86 13.83
CA TYR A 244 10.97 13.94 15.28
C TYR A 244 9.48 13.66 15.49
N ILE A 245 9.16 12.90 16.54
CA ILE A 245 7.75 12.81 17.01
C ILE A 245 7.68 13.24 18.48
N LYS A 246 6.64 14.01 18.79
CA LYS A 246 6.31 14.56 20.13
C LYS A 246 5.22 13.66 20.72
N ILE A 247 5.61 12.73 21.62
CA ILE A 247 4.77 11.68 22.28
C ILE A 247 4.05 12.29 23.50
N ARG A 248 2.72 12.44 23.40
CA ARG A 248 1.80 13.08 24.40
C ARG A 248 2.24 12.69 25.83
N PRO A 249 2.13 13.60 26.82
CA PRO A 249 2.45 13.26 28.20
C PRO A 249 1.51 12.14 28.70
N GLY A 250 2.06 11.11 29.34
CA GLY A 250 1.28 10.12 30.10
C GLY A 250 0.56 10.80 31.27
N GLU A 251 -0.44 10.12 31.86
CA GLU A 251 -1.20 10.66 33.03
C GLU A 251 -0.20 11.02 34.14
N PHE A 252 -0.28 12.25 34.66
CA PHE A 252 0.50 12.74 35.83
C PHE A 252 1.96 13.00 35.44
N GLU A 253 2.30 12.98 34.16
CA GLU A 253 3.66 13.37 33.69
C GLU A 253 3.60 14.86 33.34
N GLN A 254 4.66 15.61 33.66
CA GLN A 254 4.68 17.09 33.50
C GLN A 254 4.88 17.44 32.02
N PHE A 255 5.67 16.63 31.27
CA PHE A 255 6.22 17.03 29.95
C PHE A 255 6.00 15.97 28.87
N GLU A 256 5.63 16.44 27.67
CA GLU A 256 5.75 15.70 26.38
C GLU A 256 7.17 15.13 26.30
N SER A 257 7.36 14.00 25.62
CA SER A 257 8.69 13.43 25.31
C SER A 257 8.95 13.55 23.81
N THR A 258 10.22 13.52 23.39
CA THR A 258 10.61 13.71 21.97
C THR A 258 11.47 12.52 21.56
N ILE A 259 11.14 11.93 20.41
CA ILE A 259 11.97 10.82 19.85
C ILE A 259 12.44 11.27 18.47
N GLY A 260 13.74 11.16 18.25
CA GLY A 260 14.42 11.69 17.06
C GLY A 260 14.98 10.55 16.25
N PHE A 261 14.85 10.65 14.92
CA PHE A 261 15.44 9.64 14.00
C PHE A 261 16.20 10.35 12.90
N LYS A 262 17.25 9.67 12.42
CA LYS A 262 18.07 10.09 11.27
C LYS A 262 17.61 9.33 10.03
N LEU A 263 17.25 10.07 9.00
CA LEU A 263 16.88 9.47 7.69
C LEU A 263 18.08 9.60 6.75
N PRO A 264 18.14 8.78 5.68
CA PRO A 264 19.25 8.81 4.72
C PRO A 264 19.62 10.22 4.21
N ASN A 265 18.62 11.07 4.01
CA ASN A 265 18.80 12.43 3.47
C ASN A 265 17.54 13.24 3.76
N HIS A 266 17.59 14.52 3.45
CA HIS A 266 16.52 15.50 3.75
C HIS A 266 15.22 15.12 3.02
N ARG A 267 15.32 14.58 1.79
CA ARG A 267 14.10 14.23 1.00
C ARG A 267 13.40 13.05 1.66
N ALA A 268 14.17 12.07 2.16
CA ALA A 268 13.67 10.89 2.89
C ALA A 268 12.97 11.34 4.20
N ALA A 269 13.52 12.34 4.89
CA ALA A 269 12.91 12.88 6.14
C ALA A 269 11.59 13.56 5.80
N LYS A 270 11.55 14.36 4.74
CA LYS A 270 10.32 15.13 4.39
C LYS A 270 9.23 14.13 3.97
N ARG A 271 9.59 13.12 3.20
CA ARG A 271 8.67 12.08 2.66
C ARG A 271 8.00 11.34 3.83
N LEU A 272 8.80 10.92 4.80
CA LEU A 272 8.29 10.23 6.02
C LEU A 272 7.35 11.16 6.79
N TRP A 273 7.74 12.42 6.94
CA TRP A 273 6.93 13.45 7.64
C TRP A 273 5.56 13.57 6.94
N LYS A 274 5.52 13.68 5.63
CA LYS A 274 4.25 13.93 4.89
C LYS A 274 3.35 12.69 4.98
N VAL A 275 3.90 11.49 4.82
CA VAL A 275 3.09 10.24 4.88
C VAL A 275 2.50 10.09 6.30
N CYS A 276 3.28 10.36 7.37
CA CYS A 276 2.76 10.38 8.75
C CYS A 276 1.62 11.38 8.92
N VAL A 277 1.81 12.64 8.50
CA VAL A 277 0.78 13.71 8.61
C VAL A 277 -0.46 13.23 7.86
N GLU A 278 -0.27 12.65 6.67
CA GLU A 278 -1.42 12.21 5.83
C GLU A 278 -2.14 11.05 6.50
N HIS A 279 -1.41 10.05 7.02
CA HIS A 279 -2.02 8.92 7.74
C HIS A 279 -2.74 9.44 8.98
N HIS A 280 -2.13 10.37 9.71
CA HIS A 280 -2.69 10.93 10.97
C HIS A 280 -4.02 11.62 10.62
N THR A 281 -4.06 12.46 9.60
CA THR A 281 -5.29 13.18 9.20
C THR A 281 -6.36 12.17 8.75
N PHE A 282 -5.98 11.19 7.96
CA PHE A 282 -6.97 10.26 7.35
C PHE A 282 -7.59 9.37 8.43
N PHE A 283 -6.77 8.81 9.32
CA PHE A 283 -7.21 7.74 10.25
C PHE A 283 -7.70 8.33 11.57
N ARG A 284 -7.59 9.65 11.73
CA ARG A 284 -8.21 10.43 12.83
C ARG A 284 -9.73 10.42 12.64
N LEU A 285 -10.20 10.74 11.43
CA LEU A 285 -11.65 10.78 11.07
C LEU A 285 -12.22 9.35 11.09
N LEU A 286 -12.00 8.62 12.19
CA LEU A 286 -12.51 7.24 12.41
C LEU A 286 -13.02 7.13 13.85
#